data_5WVX
#
_entry.id   5WVX
#
_cell.length_a   84.340
_cell.length_b   84.340
_cell.length_c   57.980
_cell.angle_alpha   90.00
_cell.angle_beta   90.00
_cell.angle_gamma   90.00
#
_symmetry.space_group_name_H-M   'P 41'
#
loop_
_entity.id
_entity.type
_entity.pdbx_description
1 polymer 'Trypsin/chymotrypsin inhibitor'
2 non-polymer 2-acetamido-2-deoxy-beta-D-galactopyranose
3 non-polymer 'CITRIC ACID'
#
_entity_poly.entity_id   1
_entity_poly.type   'polypeptide(L)'
_entity_poly.pdbx_seq_one_letter_code
;TNPVLDVDGNELQRGQLYYATSVMRPGGGLTLAAPKGSCPLNVAQAPFDEYSGRPLAFFPENADDDTVQEGSTLYIMFPE
PTRCPQSTVWTFDREAGFVTTGGTTSKAIGPHNSRFAIRKAGDASSQPRDYQIEVCPCSTGVERPSCRMGCLGTLGLAEG
GKNVLLNINNESPHTIRFVKVKEG
;
_entity_poly.pdbx_strand_id   A,B
#
# COMPACT_ATOMS: atom_id res chain seq x y z
N THR A 1 -19.15 12.62 -16.24
CA THR A 1 -19.14 11.33 -16.92
C THR A 1 -20.00 10.31 -16.14
N ASN A 2 -19.33 9.40 -15.44
CA ASN A 2 -19.93 8.29 -14.72
C ASN A 2 -18.98 7.83 -13.61
N PRO A 3 -18.88 8.56 -12.51
CA PRO A 3 -17.99 8.14 -11.43
C PRO A 3 -18.53 6.91 -10.72
N VAL A 4 -17.62 6.18 -10.07
CA VAL A 4 -17.99 5.08 -9.21
C VAL A 4 -18.28 5.65 -7.82
N LEU A 5 -19.44 5.33 -7.27
CA LEU A 5 -19.90 5.90 -6.00
C LEU A 5 -19.66 4.92 -4.85
N ASP A 6 -19.61 5.47 -3.64
CA ASP A 6 -19.61 4.65 -2.44
C ASP A 6 -21.03 4.49 -1.90
N VAL A 7 -21.19 3.61 -0.91
CA VAL A 7 -22.51 3.28 -0.40
C VAL A 7 -23.21 4.46 0.27
N ASP A 8 -22.48 5.54 0.56
CA ASP A 8 -23.10 6.74 1.10
C ASP A 8 -23.61 7.69 0.02
N GLY A 9 -23.29 7.43 -1.25
CA GLY A 9 -23.60 8.34 -2.32
C GLY A 9 -22.46 9.22 -2.77
N ASN A 10 -21.24 8.97 -2.31
CA ASN A 10 -20.07 9.79 -2.60
C ASN A 10 -19.13 9.05 -3.55
N GLU A 11 -18.40 9.82 -4.34
CA GLU A 11 -17.51 9.26 -5.35
C GLU A 11 -16.34 8.53 -4.69
N LEU A 12 -15.63 7.73 -5.51
CA LEU A 12 -14.41 7.08 -5.07
C LEU A 12 -13.23 8.02 -5.31
N GLN A 13 -12.42 8.23 -4.27
CA GLN A 13 -11.21 9.03 -4.39
C GLN A 13 -10.00 8.10 -4.41
N ARG A 14 -8.95 8.52 -5.11
CA ARG A 14 -7.77 7.69 -5.28
C ARG A 14 -6.96 7.65 -3.98
N GLY A 15 -6.38 6.49 -3.69
CA GLY A 15 -5.63 6.30 -2.48
C GLY A 15 -6.46 6.12 -1.22
N GLN A 16 -7.77 6.26 -1.29
CA GLN A 16 -8.62 6.16 -0.11
C GLN A 16 -9.13 4.74 0.07
N LEU A 17 -9.36 4.38 1.34
CA LEU A 17 -9.69 3.01 1.73
C LEU A 17 -11.19 2.75 1.57
N TYR A 18 -11.52 1.65 0.90
CA TYR A 18 -12.90 1.17 0.78
C TYR A 18 -12.90 -0.34 0.93
N TYR A 19 -13.99 -0.86 1.51
CA TYR A 19 -14.18 -2.30 1.62
C TYR A 19 -14.97 -2.80 0.42
N ALA A 20 -14.55 -3.94 -0.12
CA ALA A 20 -15.26 -4.57 -1.24
C ALA A 20 -16.33 -5.51 -0.70
N THR A 21 -17.29 -4.91 0.01
CA THR A 21 -18.37 -5.66 0.64
C THR A 21 -19.37 -6.18 -0.39
N SER A 22 -19.79 -7.42 -0.20
CA SER A 22 -20.49 -8.20 -1.24
C SER A 22 -21.99 -8.23 -0.99
N VAL A 23 -22.76 -7.84 -2.01
CA VAL A 23 -24.21 -8.03 -2.01
C VAL A 23 -24.60 -9.43 -2.47
N MET A 24 -23.64 -10.26 -2.87
CA MET A 24 -23.94 -11.56 -3.45
C MET A 24 -24.05 -12.64 -2.38
N ARG A 25 -23.23 -13.69 -2.49
CA ARG A 25 -23.31 -14.82 -1.57
C ARG A 25 -22.60 -14.51 -0.26
N GLY A 28 -18.24 -11.94 2.34
CA GLY A 28 -18.06 -10.52 2.61
C GLY A 28 -17.00 -9.88 1.73
N GLY A 29 -16.17 -9.03 2.33
CA GLY A 29 -15.11 -8.34 1.61
C GLY A 29 -14.01 -9.23 1.06
N LEU A 30 -12.92 -8.60 0.61
CA LEU A 30 -11.77 -9.31 0.06
C LEU A 30 -10.57 -9.13 0.99
N THR A 31 -9.66 -10.09 0.94
CA THR A 31 -8.51 -10.11 1.85
C THR A 31 -7.29 -10.53 1.04
N LEU A 32 -6.21 -10.88 1.75
CA LEU A 32 -5.00 -11.44 1.17
C LEU A 32 -4.74 -12.76 1.87
N ALA A 33 -4.83 -13.86 1.13
CA ALA A 33 -4.80 -15.18 1.75
C ALA A 33 -4.12 -16.19 0.84
N ALA A 34 -3.19 -16.95 1.42
CA ALA A 34 -2.49 -18.03 0.74
C ALA A 34 -1.92 -18.95 1.79
N PRO A 35 -1.72 -20.23 1.48
CA PRO A 35 -1.26 -21.16 2.50
C PRO A 35 0.25 -21.09 2.73
N LYS A 36 0.64 -21.32 3.98
CA LYS A 36 2.01 -21.70 4.32
C LYS A 36 3.03 -20.68 3.85
N GLY A 37 3.35 -20.68 2.56
CA GLY A 37 4.21 -19.65 1.99
C GLY A 37 3.40 -18.39 1.76
N CYS A 39 5.72 -17.61 -1.47
CA CYS A 39 4.78 -16.78 -0.73
C CYS A 39 3.52 -16.35 -1.50
N PRO A 40 3.69 -15.73 -2.70
CA PRO A 40 2.71 -14.74 -3.19
C PRO A 40 1.27 -14.94 -2.75
N LEU A 41 0.78 -14.05 -1.89
CA LEU A 41 -0.62 -14.06 -1.53
C LEU A 41 -1.49 -13.89 -2.77
N ASN A 42 -2.63 -14.57 -2.79
CA ASN A 42 -3.62 -14.41 -3.84
C ASN A 42 -4.80 -13.63 -3.25
N VAL A 43 -5.42 -12.79 -4.07
CA VAL A 43 -6.62 -12.08 -3.66
C VAL A 43 -7.73 -13.10 -3.48
N ALA A 44 -8.38 -13.08 -2.32
CA ALA A 44 -9.40 -14.05 -1.95
C ALA A 44 -10.53 -13.34 -1.22
N GLN A 45 -11.59 -14.09 -0.93
CA GLN A 45 -12.71 -13.58 -0.14
C GLN A 45 -12.45 -13.82 1.34
N ALA A 46 -12.99 -12.92 2.19
CA ALA A 46 -12.79 -12.99 3.64
C ALA A 46 -13.58 -14.15 4.24
N PRO A 47 -13.00 -14.88 5.21
CA PRO A 47 -13.63 -16.12 5.69
C PRO A 47 -14.73 -15.94 6.73
N PHE A 48 -14.38 -15.64 7.99
CA PHE A 48 -15.35 -15.68 9.08
C PHE A 48 -16.32 -14.51 9.00
N ASP A 49 -17.05 -14.26 10.10
CA ASP A 49 -18.20 -13.37 10.05
C ASP A 49 -17.90 -11.96 10.54
N GLU A 50 -16.93 -11.78 11.44
CA GLU A 50 -16.46 -10.43 11.74
C GLU A 50 -15.57 -9.88 10.64
N TYR A 51 -15.21 -10.69 9.66
CA TYR A 51 -14.29 -10.30 8.59
C TYR A 51 -15.05 -9.44 7.59
N SER A 52 -15.02 -8.13 7.82
CA SER A 52 -15.47 -7.19 6.80
C SER A 52 -14.58 -7.22 5.57
N GLY A 53 -13.37 -7.77 5.69
CA GLY A 53 -12.38 -7.77 4.63
C GLY A 53 -11.27 -6.79 4.91
N ARG A 54 -10.40 -6.63 3.92
CA ARG A 54 -9.31 -5.66 3.97
C ARG A 54 -9.67 -4.42 3.15
N PRO A 55 -9.27 -3.23 3.57
CA PRO A 55 -9.58 -2.03 2.78
C PRO A 55 -8.78 -2.00 1.48
N LEU A 56 -9.44 -1.56 0.42
CA LEU A 56 -8.83 -1.43 -0.90
C LEU A 56 -8.57 0.04 -1.22
N ALA A 57 -7.47 0.30 -1.93
CA ALA A 57 -7.18 1.61 -2.49
C ALA A 57 -7.10 1.51 -4.00
N PHE A 58 -7.83 2.37 -4.70
CA PHE A 58 -7.86 2.37 -6.16
C PHE A 58 -7.11 3.58 -6.69
N PHE A 59 -6.31 3.37 -7.73
CA PHE A 59 -5.45 4.40 -8.29
C PHE A 59 -5.66 4.48 -9.80
N PRO A 60 -6.37 5.50 -10.29
CA PRO A 60 -6.45 5.71 -11.74
C PRO A 60 -5.06 5.86 -12.34
N GLU A 61 -4.96 5.56 -13.64
CA GLU A 61 -3.65 5.58 -14.29
C GLU A 61 -3.14 6.98 -14.56
N ASN A 62 -4.04 7.92 -14.84
CA ASN A 62 -3.69 9.31 -15.04
C ASN A 62 -4.03 10.14 -13.81
N ALA A 63 -3.11 11.04 -13.44
CA ALA A 63 -3.42 12.02 -12.42
C ALA A 63 -4.46 13.00 -12.95
N ASP A 64 -5.46 13.28 -12.13
CA ASP A 64 -6.59 14.09 -12.59
C ASP A 64 -7.24 14.84 -11.42
N ASP A 65 -8.54 14.70 -11.27
CA ASP A 65 -9.25 15.12 -10.06
C ASP A 65 -9.36 13.99 -9.05
N ASP A 66 -8.65 12.89 -9.26
CA ASP A 66 -8.53 11.76 -8.35
C ASP A 66 -9.85 11.04 -8.12
N THR A 67 -10.86 11.30 -8.93
CA THR A 67 -12.13 10.58 -8.86
C THR A 67 -12.05 9.34 -9.75
N VAL A 68 -12.46 8.19 -9.20
CA VAL A 68 -12.49 6.96 -9.98
C VAL A 68 -13.80 6.90 -10.76
N GLN A 69 -13.71 6.56 -12.04
CA GLN A 69 -14.86 6.57 -12.94
C GLN A 69 -15.16 5.17 -13.43
N GLU A 70 -16.39 4.99 -13.92
CA GLU A 70 -16.82 3.70 -14.46
C GLU A 70 -16.20 3.49 -15.83
N GLY A 71 -15.47 2.38 -15.98
CA GLY A 71 -14.87 2.01 -17.25
C GLY A 71 -13.44 2.48 -17.45
N SER A 72 -12.98 3.46 -16.69
CA SER A 72 -11.62 3.94 -16.82
C SER A 72 -10.64 3.03 -16.07
N THR A 73 -9.54 2.70 -16.72
CA THR A 73 -8.60 1.73 -16.17
C THR A 73 -7.86 2.32 -14.96
N LEU A 74 -7.39 1.43 -14.08
CA LEU A 74 -6.81 1.83 -12.81
C LEU A 74 -5.95 0.68 -12.27
N TYR A 75 -5.40 0.90 -11.07
CA TYR A 75 -4.71 -0.13 -10.31
C TYR A 75 -5.44 -0.30 -8.98
N ILE A 76 -5.51 -1.54 -8.49
CA ILE A 76 -6.08 -1.86 -7.19
C ILE A 76 -4.98 -2.42 -6.30
N MET A 77 -4.98 -2.00 -5.03
CA MET A 77 -3.99 -2.51 -4.09
C MET A 77 -4.57 -2.55 -2.69
N PHE A 78 -4.02 -3.46 -1.88
CA PHE A 78 -4.27 -3.49 -0.43
C PHE A 78 -3.18 -2.71 0.25
N PRO A 79 -3.36 -1.43 0.55
CA PRO A 79 -2.30 -0.62 1.17
C PRO A 79 -2.02 -0.94 2.64
N GLU A 80 -1.88 -2.24 2.92
CA GLU A 80 -1.44 -2.73 4.22
C GLU A 80 -0.20 -3.60 4.04
N PRO A 81 0.73 -3.58 5.00
CA PRO A 81 1.89 -4.48 4.91
C PRO A 81 1.45 -5.93 5.11
N THR A 82 2.05 -6.82 4.31
CA THR A 82 1.71 -8.24 4.36
C THR A 82 2.93 -9.06 4.74
N ARG A 83 2.69 -10.34 5.05
CA ARG A 83 3.79 -11.27 5.36
C ARG A 83 4.52 -11.73 4.12
N CYS A 84 4.09 -11.31 2.90
CA CYS A 84 4.74 -11.66 1.64
C CYS A 84 5.46 -10.45 1.05
N PRO A 85 6.61 -10.65 0.40
CA PRO A 85 7.38 -9.54 -0.14
C PRO A 85 6.87 -8.99 -1.47
N GLN A 86 5.78 -9.53 -2.00
CA GLN A 86 5.29 -9.07 -3.29
C GLN A 86 4.40 -7.84 -3.13
N SER A 87 4.30 -7.06 -4.21
CA SER A 87 3.46 -5.88 -4.20
C SER A 87 2.00 -6.26 -3.94
N THR A 88 1.34 -5.47 -3.09
CA THR A 88 -0.08 -5.67 -2.79
C THR A 88 -0.99 -5.23 -3.93
N VAL A 89 -0.44 -4.87 -5.09
CA VAL A 89 -1.20 -4.41 -6.24
C VAL A 89 -1.61 -5.63 -7.07
N TRP A 90 -2.80 -5.57 -7.66
CA TRP A 90 -3.44 -6.73 -8.25
C TRP A 90 -2.85 -7.08 -9.62
N THR A 91 -2.55 -8.35 -9.81
CA THR A 91 -2.15 -8.91 -11.10
C THR A 91 -3.11 -10.04 -11.49
N PHE A 92 -3.30 -10.24 -12.79
CA PHE A 92 -4.05 -11.37 -13.30
C PHE A 92 -3.06 -12.32 -13.97
N ASP A 93 -3.05 -13.58 -13.52
CA ASP A 93 -2.01 -14.51 -13.93
C ASP A 93 -2.26 -15.07 -15.32
N ARG A 94 -3.46 -15.62 -15.55
CA ARG A 94 -3.79 -16.31 -16.81
C ARG A 94 -2.82 -17.47 -17.06
N THR A 101 -5.35 -18.01 -14.63
CA THR A 101 -5.74 -18.46 -13.31
C THR A 101 -6.66 -17.42 -12.65
N GLY A 102 -6.14 -16.74 -11.62
CA GLY A 102 -6.88 -15.76 -10.88
C GLY A 102 -6.06 -14.50 -10.66
N GLY A 103 -6.44 -13.77 -9.60
CA GLY A 103 -5.75 -12.55 -9.23
C GLY A 103 -4.69 -12.82 -8.18
N THR A 104 -3.49 -12.32 -8.45
CA THR A 104 -2.37 -12.41 -7.52
C THR A 104 -2.04 -11.01 -7.01
N THR A 105 -0.99 -10.92 -6.20
CA THR A 105 -0.48 -9.66 -5.66
C THR A 105 1.00 -9.58 -6.06
N SER A 106 1.31 -8.82 -7.10
CA SER A 106 2.67 -8.77 -7.64
C SER A 106 2.83 -7.70 -8.71
N LYS A 107 1.95 -6.71 -8.72
CA LYS A 107 1.73 -5.90 -9.91
C LYS A 107 2.70 -4.74 -10.01
N ALA A 108 3.37 -4.64 -11.14
CA ALA A 108 4.08 -3.42 -11.52
C ALA A 108 3.05 -2.41 -12.06
N ILE A 109 3.52 -1.29 -12.59
CA ILE A 109 2.66 -0.37 -13.33
C ILE A 109 3.29 -0.12 -14.69
N GLY A 110 2.47 0.00 -15.72
CA GLY A 110 2.94 0.19 -17.07
C GLY A 110 2.12 1.19 -17.87
N PRO A 111 2.69 2.37 -18.10
CA PRO A 111 1.99 3.39 -18.89
C PRO A 111 2.39 3.40 -20.35
N HIS A 112 2.57 2.22 -20.95
CA HIS A 112 2.80 2.09 -22.38
C HIS A 112 1.51 1.61 -23.03
N ASN A 113 1.61 0.80 -24.08
CA ASN A 113 0.41 0.32 -24.75
C ASN A 113 -0.15 -0.92 -24.05
N SER A 114 -1.01 -1.67 -24.73
CA SER A 114 -1.80 -2.72 -24.09
C SER A 114 -0.91 -3.90 -23.67
N ARG A 115 -1.55 -5.03 -23.36
CA ARG A 115 -0.90 -6.20 -22.77
C ARG A 115 -0.27 -5.84 -21.43
N PHE A 116 -1.07 -5.79 -20.36
CA PHE A 116 -0.55 -5.60 -19.02
C PHE A 116 -1.58 -6.05 -17.99
N ALA A 117 -1.66 -7.36 -17.74
CA ALA A 117 -2.67 -7.95 -16.87
C ALA A 117 -2.57 -7.46 -15.43
N ILE A 118 -2.72 -6.15 -15.25
CA ILE A 118 -2.50 -5.50 -13.96
C ILE A 118 -3.49 -4.34 -13.88
N ARG A 119 -3.98 -3.90 -15.04
CA ARG A 119 -4.97 -2.83 -15.11
C ARG A 119 -6.37 -3.40 -14.98
N LYS A 120 -7.14 -2.85 -14.04
CA LYS A 120 -8.54 -3.21 -13.87
C LYS A 120 -9.41 -2.03 -14.29
N ALA A 121 -10.71 -2.13 -14.01
CA ALA A 121 -11.64 -1.04 -14.25
C ALA A 121 -12.92 -1.30 -13.47
N GLY A 122 -13.84 -0.37 -13.56
CA GLY A 122 -15.11 -0.49 -12.85
C GLY A 122 -16.30 -0.27 -13.76
N ASP A 123 -17.37 -1.02 -13.51
CA ASP A 123 -18.61 -0.86 -14.24
C ASP A 123 -19.76 -1.38 -13.37
N ALA A 124 -20.94 -0.86 -13.60
CA ALA A 124 -22.09 -1.15 -12.74
C ALA A 124 -22.58 -2.58 -12.94
N SER A 125 -23.77 -2.86 -12.42
CA SER A 125 -24.35 -4.20 -12.49
C SER A 125 -24.67 -4.60 -13.92
N TYR A 131 -25.98 -5.26 -8.29
CA TYR A 131 -26.60 -4.40 -7.30
C TYR A 131 -25.66 -3.29 -6.86
N GLN A 132 -24.64 -3.03 -7.69
CA GLN A 132 -23.77 -1.85 -7.58
C GLN A 132 -22.77 -1.81 -8.72
N ILE A 133 -21.48 -1.84 -8.40
CA ILE A 133 -20.42 -1.74 -9.39
C ILE A 133 -19.76 -3.11 -9.52
N GLU A 134 -18.83 -3.21 -10.48
CA GLU A 134 -18.10 -4.46 -10.70
C GLU A 134 -16.69 -4.11 -11.14
N VAL A 135 -15.88 -5.14 -11.34
CA VAL A 135 -14.47 -5.00 -11.72
C VAL A 135 -14.30 -5.62 -13.10
N CYS A 136 -13.54 -4.95 -13.96
CA CYS A 136 -13.26 -5.45 -15.30
C CYS A 136 -11.76 -5.47 -15.55
N PRO A 137 -11.13 -6.65 -15.57
CA PRO A 137 -9.70 -6.71 -15.94
C PRO A 137 -9.57 -6.41 -17.42
N CYS A 138 -9.58 -5.13 -17.79
CA CYS A 138 -9.75 -4.77 -19.18
C CYS A 138 -8.81 -3.66 -19.60
N SER A 139 -8.60 -3.58 -20.91
CA SER A 139 -8.12 -2.39 -21.60
C SER A 139 -8.97 -2.30 -22.86
N THR A 140 -8.92 -3.36 -23.66
CA THR A 140 -9.92 -3.62 -24.69
C THR A 140 -10.97 -4.63 -24.23
N GLY A 141 -11.03 -4.93 -22.94
CA GLY A 141 -12.03 -5.86 -22.42
C GLY A 141 -11.62 -7.31 -22.47
N VAL A 142 -11.22 -7.87 -21.32
CA VAL A 142 -10.88 -9.28 -21.20
C VAL A 142 -11.97 -10.05 -20.45
N GLU A 143 -12.29 -9.62 -19.23
CA GLU A 143 -13.26 -10.37 -18.43
C GLU A 143 -13.98 -9.54 -17.36
N ARG A 144 -14.31 -10.19 -16.25
CA ARG A 144 -15.15 -9.68 -15.18
C ARG A 144 -15.14 -10.73 -14.06
N PRO A 145 -14.33 -10.54 -13.02
CA PRO A 145 -14.03 -11.65 -12.11
C PRO A 145 -15.23 -12.03 -11.25
N SER A 146 -15.26 -13.32 -10.90
CA SER A 146 -16.24 -13.88 -10.00
C SER A 146 -15.50 -14.72 -8.97
N CYS A 147 -16.22 -15.15 -7.93
CA CYS A 147 -15.62 -16.03 -6.93
C CYS A 147 -15.16 -17.32 -7.59
N ARG A 148 -13.94 -17.75 -7.27
CA ARG A 148 -13.43 -19.03 -7.76
C ARG A 148 -14.30 -20.17 -7.28
N MET A 149 -14.12 -20.56 -6.01
CA MET A 149 -14.89 -21.63 -5.38
C MET A 149 -14.73 -22.94 -6.14
N GLY A 153 -11.28 -23.94 -4.51
CA GLY A 153 -12.34 -24.03 -3.52
C GLY A 153 -11.84 -23.86 -2.10
N THR A 154 -10.52 -23.92 -1.91
CA THR A 154 -9.94 -23.71 -0.60
C THR A 154 -10.17 -22.29 -0.13
N LEU A 155 -9.89 -21.32 -0.99
CA LEU A 155 -10.16 -19.91 -0.73
C LEU A 155 -11.05 -19.36 -1.84
N GLY A 156 -11.95 -18.46 -1.48
CA GLY A 156 -12.78 -17.79 -2.46
C GLY A 156 -11.98 -16.84 -3.33
N LEU A 157 -11.21 -17.40 -4.27
CA LEU A 157 -10.40 -16.58 -5.16
C LEU A 157 -11.28 -15.91 -6.21
N ALA A 158 -10.67 -15.01 -6.99
CA ALA A 158 -11.37 -14.23 -8.00
C ALA A 158 -10.88 -14.64 -9.39
N GLU A 159 -11.81 -14.88 -10.30
CA GLU A 159 -11.50 -15.39 -11.63
C GLU A 159 -12.23 -14.62 -12.73
N GLY A 160 -13.35 -15.18 -13.21
CA GLY A 160 -14.19 -14.58 -14.23
C GLY A 160 -15.30 -15.53 -14.62
N GLY A 161 -16.56 -15.08 -14.55
CA GLY A 161 -17.66 -15.99 -14.79
C GLY A 161 -18.87 -15.33 -15.42
N LYS A 162 -19.93 -16.12 -15.56
CA LYS A 162 -21.25 -15.59 -15.92
C LYS A 162 -21.95 -15.02 -14.70
N ASN A 163 -21.92 -15.76 -13.59
CA ASN A 163 -22.34 -15.24 -12.29
C ASN A 163 -21.15 -14.51 -11.69
N VAL A 164 -21.22 -13.19 -11.64
CA VAL A 164 -20.09 -12.33 -11.33
C VAL A 164 -20.27 -11.68 -9.97
N LEU A 165 -19.15 -11.40 -9.32
CA LEU A 165 -19.13 -10.90 -7.94
C LEU A 165 -19.55 -9.45 -7.91
N LEU A 166 -20.79 -9.20 -7.50
CA LEU A 166 -21.26 -7.85 -7.24
C LEU A 166 -20.81 -7.41 -5.84
N ASN A 167 -20.21 -6.23 -5.76
CA ASN A 167 -19.83 -5.67 -4.47
C ASN A 167 -20.13 -4.18 -4.45
N ILE A 168 -20.31 -3.66 -3.23
CA ILE A 168 -20.46 -2.22 -3.00
C ILE A 168 -19.24 -1.73 -2.24
N ASN A 169 -18.79 -0.53 -2.58
CA ASN A 169 -17.59 0.06 -1.99
C ASN A 169 -18.02 1.01 -0.89
N ASN A 170 -17.75 0.65 0.37
CA ASN A 170 -18.05 1.49 1.51
C ASN A 170 -16.76 1.86 2.23
N GLU A 171 -16.73 3.09 2.74
CA GLU A 171 -15.52 3.76 3.17
C GLU A 171 -15.19 3.43 4.63
N SER A 172 -13.91 3.24 4.91
CA SER A 172 -13.49 2.67 6.19
C SER A 172 -13.81 3.54 7.39
N PRO A 173 -13.62 4.88 7.37
CA PRO A 173 -13.89 5.68 8.58
C PRO A 173 -15.01 6.70 8.45
N HIS A 174 -15.80 6.66 7.38
CA HIS A 174 -16.84 7.68 7.20
C HIS A 174 -17.97 7.15 6.31
N THR B 1 4.03 5.37 25.43
CA THR B 1 5.12 6.35 25.45
C THR B 1 4.62 7.70 24.91
N ASN B 2 5.56 8.54 24.45
CA ASN B 2 5.17 9.83 23.90
C ASN B 2 4.85 9.69 22.41
N PRO B 3 3.67 10.12 21.97
CA PRO B 3 3.32 9.97 20.56
C PRO B 3 4.13 10.89 19.66
N VAL B 4 4.47 10.40 18.47
CA VAL B 4 5.06 11.26 17.44
C VAL B 4 3.96 12.20 16.94
N LEU B 5 4.10 13.49 17.23
CA LEU B 5 3.25 14.50 16.64
C LEU B 5 3.67 14.76 15.20
N ASP B 6 2.72 15.19 14.36
CA ASP B 6 3.08 15.65 13.02
C ASP B 6 3.43 17.15 13.13
N VAL B 7 3.64 17.80 11.98
CA VAL B 7 4.10 19.19 11.98
C VAL B 7 3.02 20.18 12.44
N ASP B 8 1.75 19.79 12.41
CA ASP B 8 0.68 20.65 12.88
C ASP B 8 0.40 20.51 14.37
N GLY B 9 1.23 19.76 15.09
CA GLY B 9 0.99 19.46 16.48
C GLY B 9 0.05 18.31 16.74
N ASN B 10 -0.29 17.52 15.72
CA ASN B 10 -1.24 16.42 15.86
C ASN B 10 -0.52 15.09 15.75
N GLU B 11 -1.08 14.06 16.37
CA GLU B 11 -0.45 12.75 16.38
C GLU B 11 -0.41 12.12 14.98
N LEU B 12 0.52 11.19 14.80
CA LEU B 12 0.54 10.36 13.61
C LEU B 12 -0.44 9.21 13.76
N GLN B 13 -1.30 9.03 12.77
CA GLN B 13 -2.19 7.88 12.72
C GLN B 13 -1.52 6.75 11.96
N ARG B 14 -2.24 5.65 11.78
CA ARG B 14 -1.81 4.53 10.94
C ARG B 14 -2.68 4.51 9.69
N GLY B 15 -2.07 4.18 8.55
CA GLY B 15 -2.76 4.29 7.28
C GLY B 15 -2.76 5.71 6.73
N GLN B 16 -2.87 6.70 7.62
CA GLN B 16 -2.83 8.10 7.21
C GLN B 16 -1.52 8.41 6.48
N LEU B 17 -1.61 9.17 5.40
CA LEU B 17 -0.47 9.48 4.56
C LEU B 17 0.30 10.68 5.10
N TYR B 18 1.63 10.56 5.08
CA TYR B 18 2.49 11.63 5.57
C TYR B 18 3.68 11.78 4.63
N TYR B 19 4.11 13.04 4.44
CA TYR B 19 5.31 13.33 3.66
C TYR B 19 6.47 13.51 4.63
N ALA B 20 7.52 12.71 4.47
CA ALA B 20 8.71 12.82 5.31
C ALA B 20 9.63 13.88 4.72
N THR B 21 9.31 15.13 5.02
CA THR B 21 10.03 16.27 4.46
C THR B 21 11.31 16.54 5.25
N SER B 22 12.35 16.94 4.53
CA SER B 22 13.63 17.24 5.15
C SER B 22 13.54 18.53 5.96
N VAL B 23 14.66 18.91 6.57
CA VAL B 23 14.72 20.09 7.42
C VAL B 23 15.76 21.10 6.97
N MET B 24 16.62 20.77 6.02
CA MET B 24 17.58 21.71 5.46
C MET B 24 17.71 21.50 3.95
N GLY B 27 17.64 18.51 -0.43
CA GLY B 27 16.38 19.08 0.04
C GLY B 27 15.17 18.49 -0.64
N GLY B 28 14.33 17.80 0.14
CA GLY B 28 13.13 17.19 -0.39
C GLY B 28 12.75 15.96 0.40
N GLY B 29 11.54 15.47 0.14
CA GLY B 29 11.00 14.33 0.85
C GLY B 29 11.61 13.02 0.35
N LEU B 30 10.96 11.93 0.74
CA LEU B 30 11.40 10.59 0.37
C LEU B 30 10.52 10.03 -0.74
N THR B 31 11.16 9.35 -1.70
CA THR B 31 10.43 8.67 -2.76
C THR B 31 10.90 7.22 -2.88
N LEU B 32 10.43 6.53 -3.91
CA LEU B 32 11.00 5.27 -4.35
C LEU B 32 11.78 5.53 -5.63
N ALA B 33 13.01 5.02 -5.68
CA ALA B 33 13.86 5.40 -6.80
C ALA B 33 14.95 4.36 -7.01
N ALA B 34 15.33 4.17 -8.26
CA ALA B 34 16.34 3.25 -8.76
C ALA B 34 16.56 3.59 -10.22
N PRO B 35 17.48 2.92 -10.93
CA PRO B 35 17.55 3.09 -12.39
C PRO B 35 16.31 2.57 -13.10
N LYS B 36 16.49 1.98 -14.29
CA LYS B 36 15.39 1.33 -14.98
C LYS B 36 15.27 -0.14 -14.61
N GLY B 37 15.97 -0.57 -13.56
CA GLY B 37 15.88 -1.94 -13.08
C GLY B 37 15.32 -1.98 -11.68
N CYS B 39 14.56 -3.04 -11.39
CA CYS B 39 13.97 -3.29 -10.09
C CYS B 39 14.91 -4.13 -9.25
N PRO B 40 14.78 -4.09 -7.90
CA PRO B 40 13.81 -3.39 -7.05
C PRO B 40 14.13 -1.91 -6.81
N LEU B 41 13.26 -1.24 -6.06
CA LEU B 41 13.43 0.17 -5.72
C LEU B 41 14.02 0.35 -4.33
N ASN B 42 14.66 1.50 -4.13
CA ASN B 42 15.24 1.87 -2.86
C ASN B 42 14.62 3.19 -2.40
N VAL B 43 14.64 3.42 -1.08
CA VAL B 43 14.15 4.69 -0.56
C VAL B 43 15.17 5.77 -0.89
N ALA B 44 14.71 6.88 -1.46
CA ALA B 44 15.59 7.93 -1.92
C ALA B 44 15.07 9.29 -1.50
N GLN B 45 15.90 10.31 -1.69
CA GLN B 45 15.58 11.69 -1.36
C GLN B 45 15.72 12.55 -2.61
N ALA B 46 15.00 13.67 -2.62
CA ALA B 46 14.96 14.55 -3.78
C ALA B 46 15.96 15.70 -3.63
N TYR B 51 9.29 19.47 -5.36
CA TYR B 51 8.58 18.25 -5.00
C TYR B 51 8.66 17.98 -3.50
N SER B 52 7.64 17.30 -2.97
CA SER B 52 7.64 16.84 -1.59
C SER B 52 7.88 15.35 -1.46
N GLY B 53 8.00 14.63 -2.58
CA GLY B 53 8.28 13.20 -2.56
C GLY B 53 7.06 12.34 -2.80
N ARG B 54 6.99 11.22 -2.07
CA ARG B 54 5.85 10.31 -2.05
C ARG B 54 5.28 10.25 -0.62
N PRO B 55 3.98 9.98 -0.48
CA PRO B 55 3.41 9.84 0.86
C PRO B 55 3.80 8.53 1.52
N LEU B 56 3.86 8.56 2.84
CA LEU B 56 4.23 7.42 3.67
C LEU B 56 2.99 6.84 4.35
N ALA B 57 3.20 5.72 5.04
CA ALA B 57 2.16 5.13 5.90
C ALA B 57 2.88 4.36 7.00
N PHE B 58 2.43 4.55 8.25
CA PHE B 58 3.08 3.95 9.40
C PHE B 58 2.13 2.99 10.08
N PHE B 59 2.63 1.80 10.40
CA PHE B 59 1.81 0.73 10.98
C PHE B 59 2.51 0.18 12.23
N PRO B 60 2.06 0.55 13.42
CA PRO B 60 2.56 -0.09 14.64
C PRO B 60 2.37 -1.61 14.55
N GLU B 61 3.32 -2.35 15.12
CA GLU B 61 3.23 -3.80 15.14
C GLU B 61 2.17 -4.31 16.11
N ASN B 62 1.64 -3.44 16.96
CA ASN B 62 0.52 -3.77 17.82
C ASN B 62 -0.70 -2.97 17.36
N ALA B 63 -1.82 -3.65 17.21
CA ALA B 63 -3.10 -2.99 16.90
C ALA B 63 -3.69 -2.51 18.22
N ASP B 64 -3.54 -1.22 18.50
CA ASP B 64 -3.81 -0.69 19.84
C ASP B 64 -4.53 0.65 19.77
N ASP B 65 -3.92 1.67 20.37
CA ASP B 65 -4.46 3.04 20.32
C ASP B 65 -4.48 3.59 18.91
N ASP B 66 -3.76 2.97 17.97
CA ASP B 66 -3.62 3.43 16.60
C ASP B 66 -2.83 4.75 16.52
N THR B 67 -1.95 4.98 17.49
CA THR B 67 -1.05 6.12 17.48
C THR B 67 0.38 5.64 17.24
N VAL B 68 1.11 6.39 16.42
CA VAL B 68 2.56 6.20 16.30
C VAL B 68 3.23 6.93 17.46
N GLN B 69 4.02 6.20 18.25
CA GLN B 69 4.62 6.75 19.45
C GLN B 69 6.13 6.50 19.42
N GLU B 70 6.85 7.26 20.24
CA GLU B 70 8.31 7.31 20.18
C GLU B 70 8.91 6.02 20.71
N GLY B 71 9.57 5.25 19.83
CA GLY B 71 10.27 4.06 20.28
C GLY B 71 9.65 2.75 19.85
N SER B 72 8.33 2.64 19.96
CA SER B 72 7.66 1.39 19.59
C SER B 72 7.87 1.10 18.11
N THR B 73 8.04 -0.18 17.78
CA THR B 73 8.38 -0.54 16.42
C THR B 73 7.18 -0.39 15.48
N LEU B 74 7.48 -0.21 14.19
CA LEU B 74 6.45 -0.06 13.17
C LEU B 74 7.01 -0.44 11.81
N TYR B 75 6.09 -0.70 10.87
CA TYR B 75 6.43 -0.85 9.46
C TYR B 75 6.14 0.47 8.76
N ILE B 76 6.92 0.76 7.72
CA ILE B 76 6.72 1.94 6.88
C ILE B 76 6.46 1.45 5.45
N MET B 77 5.46 2.04 4.81
CA MET B 77 5.12 1.63 3.45
C MET B 77 4.69 2.83 2.63
N PHE B 78 4.90 2.72 1.32
CA PHE B 78 4.36 3.63 0.33
C PHE B 78 3.05 3.07 -0.21
N PRO B 79 1.90 3.39 0.38
CA PRO B 79 0.64 2.85 -0.13
C PRO B 79 0.29 3.39 -1.52
N GLU B 80 1.17 3.15 -2.49
CA GLU B 80 0.99 3.58 -3.86
C GLU B 80 1.50 2.50 -4.80
N PRO B 81 0.88 2.34 -5.97
CA PRO B 81 1.36 1.33 -6.91
C PRO B 81 2.73 1.69 -7.45
N THR B 82 3.53 0.67 -7.74
CA THR B 82 4.91 0.85 -8.14
C THR B 82 5.18 0.07 -9.42
N ARG B 83 6.27 0.44 -10.11
CA ARG B 83 6.67 -0.25 -11.33
C ARG B 83 7.43 -1.54 -11.08
N CYS B 84 7.58 -1.94 -9.82
CA CYS B 84 8.34 -3.12 -9.46
C CYS B 84 7.47 -4.09 -8.65
N PRO B 85 7.67 -5.40 -8.84
CA PRO B 85 6.77 -6.38 -8.20
C PRO B 85 6.90 -6.45 -6.69
N GLN B 86 7.87 -5.77 -6.09
CA GLN B 86 8.17 -5.97 -4.69
C GLN B 86 7.26 -5.11 -3.81
N SER B 87 7.15 -5.50 -2.54
CA SER B 87 6.28 -4.81 -1.61
C SER B 87 6.76 -3.38 -1.38
N THR B 88 5.80 -2.45 -1.32
CA THR B 88 6.12 -1.07 -0.99
C THR B 88 6.34 -0.85 0.50
N VAL B 89 6.67 -1.89 1.24
CA VAL B 89 6.99 -1.80 2.67
C VAL B 89 8.51 -1.83 2.81
N TRP B 90 9.03 -1.08 3.78
CA TRP B 90 10.47 -0.90 3.92
C TRP B 90 11.15 -2.18 4.36
N THR B 91 12.42 -2.31 3.97
CA THR B 91 13.26 -3.44 4.36
C THR B 91 14.72 -2.99 4.30
N PHE B 92 15.37 -2.90 5.46
CA PHE B 92 16.81 -2.63 5.47
C PHE B 92 17.53 -3.78 4.79
N ASP B 93 18.45 -3.44 3.87
CA ASP B 93 19.01 -4.45 2.99
C ASP B 93 20.10 -5.27 3.68
N ARG B 94 20.93 -4.64 4.51
CA ARG B 94 22.04 -5.30 5.20
C ARG B 94 22.97 -6.00 4.20
N GLU B 95 23.41 -5.25 3.20
CA GLU B 95 24.33 -5.74 2.17
C GLU B 95 24.84 -4.60 1.30
N THR B 101 23.29 -2.08 2.26
CA THR B 101 23.15 -1.31 3.49
C THR B 101 22.21 -0.14 3.27
N GLY B 102 21.26 -0.31 2.35
CA GLY B 102 20.23 0.66 2.10
C GLY B 102 18.86 0.14 2.51
N GLY B 103 17.85 1.00 2.30
CA GLY B 103 16.47 0.61 2.53
C GLY B 103 15.84 0.16 1.23
N THR B 104 15.30 -1.07 1.22
CA THR B 104 14.75 -1.62 -0.01
C THR B 104 13.24 -1.79 0.08
N THR B 105 12.70 -2.85 -0.54
CA THR B 105 11.27 -2.92 -0.81
C THR B 105 10.75 -4.36 -0.78
N SER B 106 11.15 -5.14 0.22
CA SER B 106 10.63 -6.51 0.35
C SER B 106 9.87 -6.69 1.66
N LYS B 107 9.23 -5.61 2.14
CA LYS B 107 8.58 -5.58 3.43
C LYS B 107 7.66 -6.72 3.78
N ALA B 108 8.19 -7.72 4.47
CA ALA B 108 7.37 -8.72 5.14
C ALA B 108 7.10 -8.26 6.58
N ILE B 109 6.17 -8.94 7.24
CA ILE B 109 5.84 -8.66 8.63
C ILE B 109 6.09 -9.91 9.44
N GLY B 110 6.66 -9.73 10.64
CA GLY B 110 7.05 -10.84 11.47
C GLY B 110 6.78 -10.64 12.94
N PRO B 111 5.87 -11.43 13.50
CA PRO B 111 5.64 -11.43 14.94
C PRO B 111 6.57 -12.31 15.75
N HIS B 112 7.55 -12.95 15.09
CA HIS B 112 8.58 -13.72 15.78
C HIS B 112 9.43 -12.77 16.61
N ASN B 113 10.37 -13.33 17.38
CA ASN B 113 11.27 -12.48 18.18
C ASN B 113 12.25 -11.77 17.26
N SER B 114 13.36 -11.28 17.83
CA SER B 114 14.24 -10.32 17.14
C SER B 114 14.91 -10.86 15.87
N ARG B 115 15.84 -10.08 15.31
CA ARG B 115 16.42 -10.30 13.99
C ARG B 115 15.34 -10.22 12.90
N PHE B 116 14.89 -8.99 12.66
CA PHE B 116 13.95 -8.71 11.58
C PHE B 116 14.19 -7.26 11.15
N ALA B 117 14.97 -7.08 10.10
CA ALA B 117 15.42 -5.78 9.61
C ALA B 117 14.36 -5.02 8.82
N ILE B 118 13.09 -5.15 9.19
CA ILE B 118 12.01 -4.50 8.45
C ILE B 118 11.28 -3.52 9.38
N ARG B 119 11.27 -3.82 10.68
CA ARG B 119 10.61 -2.95 11.64
C ARG B 119 11.50 -1.75 12.02
N LYS B 120 10.85 -0.61 12.22
CA LYS B 120 11.52 0.67 12.42
C LYS B 120 11.13 1.29 13.76
N ALA B 121 11.53 2.54 13.98
CA ALA B 121 11.20 3.25 15.20
C ALA B 121 11.35 4.75 14.98
N GLY B 122 10.72 5.52 15.84
CA GLY B 122 10.78 6.97 15.81
C GLY B 122 11.58 7.50 16.99
N ASP B 123 12.36 8.55 16.75
CA ASP B 123 13.21 9.14 17.77
C ASP B 123 13.25 10.65 17.59
N ALA B 124 13.04 11.38 18.69
CA ALA B 124 12.92 12.83 18.62
C ALA B 124 14.30 13.47 18.46
N SER B 125 14.30 14.79 18.29
CA SER B 125 15.52 15.58 18.05
C SER B 125 16.36 15.02 16.89
N TYR B 131 15.52 19.48 14.40
CA TYR B 131 14.21 19.15 13.82
C TYR B 131 13.28 18.51 14.85
N GLN B 132 12.48 17.54 14.40
CA GLN B 132 11.60 16.81 15.30
C GLN B 132 12.05 15.37 15.36
N ILE B 133 11.54 14.48 14.53
CA ILE B 133 11.68 13.04 14.73
C ILE B 133 12.72 12.49 13.77
N GLU B 134 13.09 11.23 13.99
CA GLU B 134 14.02 10.49 13.14
C GLU B 134 13.51 9.07 12.96
N VAL B 135 14.30 8.25 12.27
CA VAL B 135 13.98 6.85 12.03
C VAL B 135 15.08 6.02 12.66
N CYS B 136 14.81 4.72 12.86
CA CYS B 136 15.75 3.75 13.42
C CYS B 136 15.39 2.36 12.92
N PRO B 137 16.35 1.57 12.43
CA PRO B 137 16.10 0.13 12.25
C PRO B 137 16.19 -0.58 13.60
N CYS B 138 15.04 -0.95 14.15
CA CYS B 138 14.99 -1.65 15.42
C CYS B 138 14.57 -3.09 15.18
N SER B 139 15.27 -4.02 15.84
CA SER B 139 15.24 -5.45 15.48
C SER B 139 15.65 -5.61 14.02
N GLY B 141 18.01 -1.53 19.08
CA GLY B 141 18.20 -1.19 17.68
C GLY B 141 19.65 -1.23 17.25
N VAL B 142 19.89 -1.03 15.95
CA VAL B 142 21.25 -1.04 15.42
C VAL B 142 21.79 0.39 15.31
N GLU B 143 21.07 1.27 14.61
CA GLU B 143 21.47 2.67 14.49
C GLU B 143 20.29 3.48 13.99
N ARG B 144 20.58 4.69 13.50
CA ARG B 144 19.59 5.61 12.96
C ARG B 144 19.95 5.89 11.50
N PRO B 145 19.02 5.72 10.56
CA PRO B 145 19.37 5.94 9.15
C PRO B 145 19.78 7.37 8.88
N SER B 146 20.66 7.52 7.91
CA SER B 146 21.22 8.79 7.47
C SER B 146 20.94 8.94 5.98
N CYS B 147 21.40 10.05 5.40
CA CYS B 147 21.48 10.13 3.95
C CYS B 147 22.67 9.30 3.49
N ARG B 148 22.45 8.45 2.48
CA ARG B 148 23.47 7.52 2.03
C ARG B 148 24.36 8.00 0.91
N MET B 149 23.77 8.68 -0.08
CA MET B 149 24.49 9.15 -1.28
C MET B 149 25.19 8.00 -2.00
N GLY B 150 24.40 6.99 -2.33
CA GLY B 150 24.92 5.80 -3.00
C GLY B 150 24.00 5.28 -4.09
N THR B 154 23.64 7.02 -7.99
CA THR B 154 22.93 8.01 -8.78
C THR B 154 21.98 8.83 -7.90
N LEU B 155 21.18 8.14 -7.09
CA LEU B 155 20.22 8.78 -6.20
C LEU B 155 20.69 8.63 -4.75
N GLY B 156 20.17 9.51 -3.90
CA GLY B 156 20.54 9.49 -2.49
C GLY B 156 19.70 8.52 -1.67
N LEU B 157 20.24 7.32 -1.43
CA LEU B 157 19.51 6.30 -0.69
C LEU B 157 19.50 6.59 0.81
N ALA B 158 19.50 5.54 1.63
CA ALA B 158 19.39 5.71 3.08
C ALA B 158 20.19 4.62 3.78
N GLU B 159 21.15 5.03 4.61
CA GLU B 159 21.98 4.14 5.40
C GLU B 159 22.00 4.60 6.84
N GLY B 160 22.32 3.68 7.76
CA GLY B 160 22.38 4.03 9.17
C GLY B 160 23.75 4.57 9.55
N GLY B 161 23.77 5.69 10.26
CA GLY B 161 25.04 6.32 10.58
C GLY B 161 24.93 7.34 11.70
N LYS B 162 26.02 8.09 11.87
CA LYS B 162 26.11 9.13 12.88
C LYS B 162 25.92 10.54 12.31
N ASN B 163 25.65 10.65 11.01
CA ASN B 163 25.21 11.90 10.40
C ASN B 163 23.74 11.73 10.00
N VAL B 164 22.87 11.71 11.02
CA VAL B 164 21.51 11.24 10.85
C VAL B 164 20.73 12.14 9.89
N LEU B 165 19.63 11.61 9.38
CA LEU B 165 18.69 12.36 8.55
C LEU B 165 17.46 12.69 9.40
N LEU B 166 17.27 13.97 9.68
CA LEU B 166 16.10 14.45 10.39
C LEU B 166 15.00 14.78 9.40
N ASN B 167 13.79 14.26 9.64
CA ASN B 167 12.64 14.55 8.80
C ASN B 167 11.48 14.98 9.68
N ILE B 168 10.49 15.61 9.05
CA ILE B 168 9.26 16.03 9.72
C ILE B 168 8.09 15.47 8.93
N ASN B 169 7.06 15.04 9.63
CA ASN B 169 5.90 14.40 9.03
C ASN B 169 4.77 15.40 8.92
N ASN B 170 4.35 15.70 7.69
CA ASN B 170 3.20 16.56 7.43
C ASN B 170 2.15 15.80 6.62
N GLU B 171 0.89 16.16 6.81
CA GLU B 171 -0.23 15.39 6.30
C GLU B 171 -0.65 15.89 4.93
N SER B 172 -1.27 15.00 4.15
CA SER B 172 -1.42 15.24 2.72
C SER B 172 -2.68 16.04 2.39
N PRO B 173 -3.89 15.63 2.84
CA PRO B 173 -5.07 16.48 2.63
C PRO B 173 -5.66 17.04 3.92
N HIS B 174 -4.82 17.22 4.94
CA HIS B 174 -5.23 17.84 6.19
C HIS B 174 -4.01 18.18 7.05
#